data_6L82
#
_entry.id   6L82
#
_cell.length_a   83.760
_cell.length_b   101.878
_cell.length_c   51.670
_cell.angle_alpha   90.000
_cell.angle_beta   90.000
_cell.angle_gamma   90.000
#
_symmetry.space_group_name_H-M   'C 2 2 21'
#
loop_
_entity.id
_entity.type
_entity.pdbx_description
1 polymer 'Spindle pole body component'
2 polymer Mozart1
3 water water
#
loop_
_entity_poly.entity_id
_entity_poly.type
_entity_poly.pdbx_seq_one_letter_code
_entity_poly.pdbx_strand_id
1 'polypeptide(L)'
;GPLGSMAFLAQLGALADDLVSAIVGIPEDQTTQRDACRDFVLRSLRHHNFGRTNQFEVQDRLNGLEERFSIVGRDALADA
LRTRLDALEPHQNQFTPELLHLLLELADQ
;
A
2 'polypeptide(L)'
;GPHMPPSERAEKQAAAQQAVDILHEIATILNCHLDRRTLSICISMIENGVNPEALANVIKELRVLGQDPQQLDALVANYL
ASSRRR
;
B
#
# COMPACT_ATOMS: atom_id res chain seq x y z
N GLY A 4 -0.79 -20.79 13.12
CA GLY A 4 -0.94 -19.35 13.17
C GLY A 4 -1.92 -18.90 12.12
N SER A 5 -2.37 -19.84 11.29
CA SER A 5 -3.16 -19.48 10.11
C SER A 5 -4.53 -18.95 10.50
N MET A 6 -5.27 -19.69 11.33
CA MET A 6 -6.58 -19.19 11.76
C MET A 6 -6.45 -17.88 12.52
N ALA A 7 -5.49 -17.82 13.44
CA ALA A 7 -5.21 -16.55 14.13
C ALA A 7 -4.79 -15.46 13.14
N PHE A 8 -3.99 -15.81 12.13
CA PHE A 8 -3.56 -14.81 11.16
C PHE A 8 -4.76 -14.21 10.43
N LEU A 9 -5.68 -15.05 9.98
CA LEU A 9 -6.83 -14.52 9.27
C LEU A 9 -7.73 -13.70 10.21
N ALA A 10 -7.98 -14.19 11.43
CA ALA A 10 -8.78 -13.43 12.39
C ALA A 10 -8.22 -12.04 12.62
N GLN A 11 -6.89 -11.91 12.58
CA GLN A 11 -6.19 -10.66 12.85
C GLN A 11 -6.26 -9.69 11.68
N LEU A 12 -6.45 -10.21 10.47
CA LEU A 12 -6.49 -9.37 9.28
C LEU A 12 -7.91 -8.97 8.92
N GLY A 13 -8.91 -9.58 9.57
CA GLY A 13 -10.29 -9.43 9.14
C GLY A 13 -10.76 -7.99 9.13
N ALA A 14 -10.57 -7.28 10.25
CA ALA A 14 -11.01 -5.89 10.33
C ALA A 14 -10.23 -5.01 9.34
N LEU A 15 -8.94 -5.29 9.16
CA LEU A 15 -8.13 -4.51 8.23
C LEU A 15 -8.49 -4.81 6.78
N ALA A 16 -8.81 -6.06 6.45
CA ALA A 16 -9.27 -6.37 5.09
C ALA A 16 -10.53 -5.58 4.77
N ASP A 17 -11.46 -5.53 5.72
CA ASP A 17 -12.64 -4.66 5.64
C ASP A 17 -12.27 -3.21 5.38
N ASP A 18 -11.30 -2.68 6.13
CA ASP A 18 -10.86 -1.29 5.92
C ASP A 18 -10.35 -1.11 4.51
N LEU A 19 -9.54 -2.07 4.04
CA LEU A 19 -8.94 -1.93 2.72
C LEU A 19 -10.02 -1.88 1.66
N VAL A 20 -11.01 -2.77 1.78
CA VAL A 20 -12.11 -2.76 0.82
C VAL A 20 -12.88 -1.46 0.92
N SER A 21 -13.30 -1.08 2.13
CA SER A 21 -14.07 0.13 2.33
C SER A 21 -13.34 1.37 1.84
N ALA A 22 -12.03 1.46 2.09
CA ALA A 22 -11.29 2.64 1.68
C ALA A 22 -11.07 2.71 0.16
N ILE A 23 -11.01 1.58 -0.54
CA ILE A 23 -10.55 1.56 -1.94
C ILE A 23 -11.68 1.32 -2.92
N VAL A 24 -12.49 0.28 -2.69
CA VAL A 24 -13.40 -0.19 -3.73
C VAL A 24 -14.59 0.74 -3.89
N GLY A 25 -15.23 1.07 -2.78
CA GLY A 25 -16.45 1.84 -2.81
C GLY A 25 -17.38 1.39 -1.70
N ILE A 26 -18.65 1.67 -1.92
CA ILE A 26 -19.69 1.56 -0.89
C ILE A 26 -20.97 1.07 -1.54
N PRO A 27 -21.88 0.47 -0.73
CA PRO A 27 -23.24 0.16 -1.19
C PRO A 27 -23.85 1.20 -2.13
N GLN A 30 -25.08 -2.76 -0.78
CA GLN A 30 -24.62 -3.89 -1.58
C GLN A 30 -23.66 -4.76 -0.76
N THR A 31 -24.23 -5.58 0.12
CA THR A 31 -23.41 -6.41 1.01
C THR A 31 -22.57 -7.41 0.23
N THR A 32 -23.11 -7.90 -0.90
CA THR A 32 -22.52 -9.03 -1.61
C THR A 32 -21.13 -8.71 -2.12
N GLN A 33 -21.00 -7.61 -2.85
CA GLN A 33 -19.70 -7.20 -3.36
C GLN A 33 -18.69 -7.07 -2.23
N ARG A 34 -19.11 -6.53 -1.09
CA ARG A 34 -18.15 -6.27 0.00
C ARG A 34 -17.64 -7.57 0.62
N ASP A 35 -18.51 -8.56 0.79
CA ASP A 35 -18.01 -9.82 1.34
C ASP A 35 -17.11 -10.56 0.34
N ALA A 36 -17.29 -10.33 -0.96
CA ALA A 36 -16.46 -11.03 -1.93
C ALA A 36 -15.08 -10.40 -2.05
N CYS A 37 -15.03 -9.06 -2.03
CA CYS A 37 -13.75 -8.36 -2.00
C CYS A 37 -12.95 -8.70 -0.75
N ARG A 38 -13.63 -8.82 0.37
CA ARG A 38 -12.92 -9.09 1.61
C ARG A 38 -12.38 -10.51 1.65
N ASP A 39 -13.18 -11.47 1.21
CA ASP A 39 -12.67 -12.83 1.09
C ASP A 39 -11.50 -12.88 0.13
N PHE A 40 -11.57 -12.14 -0.98
CA PHE A 40 -10.45 -12.06 -1.92
C PHE A 40 -9.20 -11.55 -1.22
N VAL A 41 -9.34 -10.56 -0.32
CA VAL A 41 -8.13 -9.98 0.27
C VAL A 41 -7.47 -10.97 1.22
N LEU A 42 -8.27 -11.64 2.04
CA LEU A 42 -7.72 -12.60 2.99
C LEU A 42 -7.11 -13.79 2.28
N ARG A 43 -7.74 -14.24 1.19
CA ARG A 43 -7.21 -15.36 0.43
C ARG A 43 -5.88 -15.00 -0.25
N SER A 44 -5.77 -13.81 -0.83
CA SER A 44 -4.54 -13.45 -1.54
C SER A 44 -3.35 -13.35 -0.59
N LEU A 45 -3.55 -12.89 0.64
CA LEU A 45 -2.44 -12.66 1.56
C LEU A 45 -2.18 -13.85 2.50
N ARG A 46 -3.03 -14.88 2.48
CA ARG A 46 -2.96 -15.99 3.44
C ARG A 46 -1.55 -16.56 3.61
N ARG A 52 10.83 -11.78 0.28
CA ARG A 52 11.46 -10.70 1.05
C ARG A 52 11.83 -9.52 0.16
N THR A 53 11.71 -8.31 0.69
CA THR A 53 12.15 -7.13 -0.05
C THR A 53 13.63 -6.90 0.15
N ASN A 54 14.29 -6.53 -0.94
CA ASN A 54 15.73 -6.28 -0.98
C ASN A 54 15.95 -4.78 -0.85
N GLN A 55 16.54 -4.36 0.28
CA GLN A 55 16.63 -2.94 0.58
C GLN A 55 17.56 -2.21 -0.39
N PHE A 56 18.58 -2.88 -0.90
CA PHE A 56 19.41 -2.24 -1.92
C PHE A 56 18.59 -1.93 -3.16
N GLU A 57 17.72 -2.85 -3.57
CA GLU A 57 16.86 -2.61 -4.73
C GLU A 57 15.94 -1.41 -4.50
N VAL A 58 15.30 -1.36 -3.32
CA VAL A 58 14.43 -0.24 -2.99
C VAL A 58 15.17 1.08 -3.16
N GLN A 59 16.40 1.16 -2.64
CA GLN A 59 17.12 2.43 -2.71
C GLN A 59 17.56 2.72 -4.13
N ASP A 60 17.92 1.68 -4.89
CA ASP A 60 18.27 1.87 -6.29
C ASP A 60 17.08 2.35 -7.10
N ARG A 61 15.88 1.83 -6.82
CA ARG A 61 14.72 2.32 -7.55
C ARG A 61 14.38 3.75 -7.15
N LEU A 62 14.57 4.11 -5.88
CA LEU A 62 14.36 5.49 -5.48
C LEU A 62 15.41 6.40 -6.11
N ASN A 63 16.65 5.91 -6.25
CA ASN A 63 17.68 6.70 -6.92
C ASN A 63 17.32 6.94 -8.39
N GLY A 64 16.88 5.89 -9.08
CA GLY A 64 16.51 6.05 -10.48
C GLY A 64 15.32 6.97 -10.70
N LEU A 65 14.38 7.01 -9.75
CA LEU A 65 13.28 7.96 -9.81
C LEU A 65 13.79 9.39 -9.72
N GLU A 66 14.61 9.68 -8.72
CA GLU A 66 15.22 11.01 -8.61
C GLU A 66 15.92 11.40 -9.91
N GLU A 67 16.71 10.49 -10.48
CA GLU A 67 17.37 10.79 -11.75
C GLU A 67 16.35 11.07 -12.84
N ARG A 68 15.29 10.27 -12.90
CA ARG A 68 14.31 10.46 -13.98
C ARG A 68 13.58 11.80 -13.82
N PHE A 69 13.18 12.15 -12.60
CA PHE A 69 12.56 13.43 -12.37
C PHE A 69 13.41 14.58 -12.91
N SER A 70 14.73 14.52 -12.68
CA SER A 70 15.60 15.62 -13.10
C SER A 70 15.70 15.68 -14.62
N ILE A 71 15.86 14.52 -15.26
CA ILE A 71 15.95 14.46 -16.71
C ILE A 71 14.73 15.07 -17.37
N VAL A 72 13.57 15.00 -16.74
CA VAL A 72 12.36 15.47 -17.40
C VAL A 72 11.96 16.88 -16.93
N GLY A 73 12.89 17.61 -16.30
CA GLY A 73 12.59 18.97 -15.88
C GLY A 73 11.79 19.09 -14.60
N ARG A 74 11.76 18.05 -13.76
CA ARG A 74 11.16 18.17 -12.45
C ARG A 74 12.21 17.90 -11.38
N ASP A 75 13.24 18.76 -11.33
CA ASP A 75 14.28 18.70 -10.31
C ASP A 75 13.71 18.89 -8.91
N ALA A 76 12.66 19.70 -8.76
CA ALA A 76 12.06 19.94 -7.46
C ALA A 76 11.49 18.66 -6.87
N LEU A 77 10.76 17.90 -7.69
CA LEU A 77 10.26 16.60 -7.26
C LEU A 77 11.39 15.67 -6.84
N ALA A 78 12.52 15.69 -7.57
CA ALA A 78 13.69 14.91 -7.16
C ALA A 78 14.20 15.36 -5.79
N ASP A 79 14.32 16.67 -5.58
CA ASP A 79 14.79 17.18 -4.29
C ASP A 79 13.82 16.81 -3.17
N ALA A 80 12.52 16.95 -3.43
CA ALA A 80 11.50 16.50 -2.49
C ALA A 80 11.73 15.06 -2.06
N LEU A 81 11.81 14.16 -3.03
CA LEU A 81 11.98 12.74 -2.74
C LEU A 81 13.25 12.51 -1.94
N ARG A 82 14.36 13.06 -2.41
CA ARG A 82 15.63 12.88 -1.71
C ARG A 82 15.56 13.39 -0.28
N THR A 83 14.92 14.55 -0.04
CA THR A 83 14.87 15.09 1.32
C THR A 83 13.84 14.40 2.19
N ARG A 84 12.71 13.94 1.64
CA ARG A 84 11.82 13.17 2.50
C ARG A 84 12.53 11.90 2.98
N LEU A 85 13.27 11.24 2.07
CA LEU A 85 14.02 10.05 2.49
C LEU A 85 15.08 10.39 3.52
N ASP A 86 15.68 11.58 3.41
CA ASP A 86 16.53 12.03 4.49
C ASP A 86 15.76 12.18 5.79
N ALA A 87 14.60 12.84 5.76
CA ALA A 87 13.81 13.00 6.97
C ALA A 87 13.35 11.66 7.54
N LEU A 88 13.29 10.62 6.71
CA LEU A 88 12.83 9.33 7.19
C LEU A 88 13.89 8.58 7.99
N GLU A 89 15.19 8.79 7.70
CA GLU A 89 16.24 7.94 8.27
C GLU A 89 16.20 7.81 9.78
N PRO A 90 16.13 8.87 10.59
CA PRO A 90 16.07 8.66 12.05
C PRO A 90 14.89 7.84 12.49
N HIS A 91 13.84 7.71 11.67
CA HIS A 91 12.69 6.87 11.95
C HIS A 91 12.81 5.47 11.36
N GLN A 92 14.00 5.06 10.91
CA GLN A 92 14.13 3.81 10.19
C GLN A 92 13.96 2.62 11.14
N ASN A 93 13.13 1.66 10.75
CA ASN A 93 13.07 0.38 11.45
C ASN A 93 12.98 -0.74 10.40
N GLN A 94 12.79 -1.98 10.86
CA GLN A 94 12.78 -3.10 9.92
C GLN A 94 11.64 -3.00 8.93
N PHE A 95 10.59 -2.26 9.23
CA PHE A 95 9.47 -2.20 8.29
C PHE A 95 9.60 -1.08 7.26
N THR A 96 10.55 -0.15 7.42
CA THR A 96 10.66 0.94 6.45
C THR A 96 10.93 0.47 5.02
N PRO A 97 11.93 -0.38 4.74
CA PRO A 97 12.13 -0.81 3.34
C PRO A 97 10.90 -1.45 2.73
N GLU A 98 10.16 -2.23 3.51
CA GLU A 98 8.96 -2.88 2.99
C GLU A 98 7.92 -1.84 2.59
N LEU A 99 7.76 -0.82 3.42
CA LEU A 99 6.75 0.20 3.13
C LEU A 99 7.10 0.98 1.88
N LEU A 100 8.39 1.29 1.71
CA LEU A 100 8.79 1.98 0.50
C LEU A 100 8.64 1.06 -0.71
N HIS A 101 8.94 -0.22 -0.52
CA HIS A 101 8.70 -1.21 -1.59
C HIS A 101 7.24 -1.17 -2.02
N LEU A 102 6.33 -1.14 -1.07
CA LEU A 102 4.90 -1.04 -1.37
C LEU A 102 4.60 0.21 -2.18
N LEU A 103 5.18 1.36 -1.78
CA LEU A 103 4.95 2.59 -2.54
C LEU A 103 5.58 2.52 -3.93
N LEU A 104 6.79 1.96 -4.04
CA LEU A 104 7.38 1.74 -5.36
C LEU A 104 6.45 0.91 -6.24
N GLU A 105 5.79 -0.10 -5.67
CA GLU A 105 4.90 -0.96 -6.46
C GLU A 105 3.62 -0.23 -6.87
N LEU A 106 3.18 0.78 -6.11
CA LEU A 106 2.00 1.55 -6.47
C LEU A 106 2.33 2.84 -7.19
N ALA A 107 3.61 3.14 -7.42
CA ALA A 107 3.98 4.44 -7.98
C ALA A 107 3.40 4.60 -9.38
N ASP A 108 3.08 5.85 -9.74
CA ASP A 108 2.46 6.14 -11.03
C ASP A 108 2.78 7.55 -11.56
N LYS B 12 5.44 10.57 24.14
CA LYS B 12 5.73 11.34 22.94
C LYS B 12 6.58 10.50 21.99
N GLN B 13 6.79 9.24 22.36
CA GLN B 13 7.22 8.28 21.36
C GLN B 13 6.13 8.03 20.33
N ALA B 14 5.00 8.73 20.44
CA ALA B 14 3.98 8.82 19.42
C ALA B 14 4.38 9.73 18.24
N ALA B 15 5.70 10.04 18.07
CA ALA B 15 6.34 10.54 16.81
C ALA B 15 6.26 9.50 15.68
N ALA B 16 5.54 8.42 15.96
CA ALA B 16 5.07 7.55 14.89
C ALA B 16 4.19 8.33 13.92
N GLN B 17 3.52 9.38 14.41
CA GLN B 17 2.73 10.23 13.51
C GLN B 17 3.62 10.92 12.49
N GLN B 18 4.85 11.26 12.87
CA GLN B 18 5.75 11.92 11.93
C GLN B 18 6.28 10.95 10.88
N ALA B 19 6.72 9.76 11.32
CA ALA B 19 7.18 8.77 10.35
C ALA B 19 6.10 8.48 9.32
N VAL B 20 4.85 8.34 9.76
CA VAL B 20 3.76 8.13 8.81
C VAL B 20 3.53 9.37 7.95
N ASP B 21 3.72 10.57 8.51
CA ASP B 21 3.57 11.78 7.69
C ASP B 21 4.56 11.79 6.54
N ILE B 22 5.82 11.40 6.80
CA ILE B 22 6.82 11.38 5.75
C ILE B 22 6.54 10.27 4.73
N LEU B 23 6.02 9.13 5.17
CA LEU B 23 5.66 8.10 4.19
C LEU B 23 4.57 8.57 3.27
N HIS B 24 3.55 9.28 3.78
CA HIS B 24 2.53 9.78 2.88
C HIS B 24 3.06 10.88 1.94
N GLU B 25 4.06 11.65 2.36
CA GLU B 25 4.64 12.62 1.43
C GLU B 25 5.31 11.90 0.28
N ILE B 26 6.10 10.88 0.59
CA ILE B 26 6.71 10.05 -0.45
C ILE B 26 5.64 9.43 -1.34
N ALA B 27 4.50 9.06 -0.74
CA ALA B 27 3.42 8.46 -1.51
C ALA B 27 2.81 9.46 -2.47
N THR B 28 2.70 10.73 -2.06
CA THR B 28 2.21 11.74 -2.99
C THR B 28 3.25 12.02 -4.08
N ILE B 29 4.53 12.08 -3.71
CA ILE B 29 5.61 12.29 -4.67
C ILE B 29 5.59 11.19 -5.75
N LEU B 30 5.49 9.94 -5.34
CA LEU B 30 5.40 8.83 -6.27
C LEU B 30 4.04 8.73 -6.94
N ASN B 31 3.10 9.62 -6.59
CA ASN B 31 1.73 9.58 -7.11
C ASN B 31 1.08 8.21 -6.90
N CYS B 32 1.15 7.70 -5.67
CA CYS B 32 0.63 6.37 -5.36
C CYS B 32 -0.89 6.32 -5.28
N HIS B 33 -1.56 7.45 -5.17
CA HIS B 33 -3.03 7.50 -5.02
C HIS B 33 -3.49 6.83 -3.72
N LEU B 34 -2.71 6.96 -2.65
CA LEU B 34 -3.08 6.55 -1.30
C LEU B 34 -3.30 7.77 -0.43
N ASP B 35 -4.46 7.88 0.20
CA ASP B 35 -4.56 8.90 1.24
C ASP B 35 -3.93 8.38 2.53
N ARG B 36 -3.85 9.25 3.54
CA ARG B 36 -3.19 8.83 4.76
C ARG B 36 -3.89 7.63 5.39
N ARG B 37 -5.22 7.60 5.28
CA ARG B 37 -6.01 6.52 5.90
C ARG B 37 -5.68 5.17 5.25
N THR B 38 -5.60 5.13 3.93
CA THR B 38 -5.28 3.86 3.28
C THR B 38 -3.84 3.44 3.57
N LEU B 39 -2.92 4.40 3.57
CA LEU B 39 -1.55 4.08 3.99
C LEU B 39 -1.52 3.54 5.41
N SER B 40 -2.32 4.13 6.30
CA SER B 40 -2.34 3.63 7.67
C SER B 40 -2.73 2.16 7.70
N ILE B 41 -3.77 1.80 6.93
CA ILE B 41 -4.19 0.41 6.87
C ILE B 41 -3.05 -0.46 6.39
N CYS B 42 -2.38 -0.04 5.31
CA CYS B 42 -1.25 -0.80 4.79
C CYS B 42 -0.19 -0.98 5.86
N ILE B 43 0.13 0.09 6.59
CA ILE B 43 1.19 -0.02 7.59
C ILE B 43 0.85 -1.10 8.62
N SER B 44 -0.39 -1.11 9.15
CA SER B 44 -0.75 -2.14 10.13
C SER B 44 -0.66 -3.53 9.52
N MET B 45 -0.99 -3.67 8.24
CA MET B 45 -0.95 -4.98 7.59
C MET B 45 0.49 -5.47 7.43
N ILE B 46 1.36 -4.62 6.88
CA ILE B 46 2.76 -5.01 6.67
C ILE B 46 3.45 -5.32 8.01
N GLU B 47 3.19 -4.51 9.03
CA GLU B 47 3.83 -4.76 10.32
C GLU B 47 3.29 -6.02 11.01
N ASN B 48 2.07 -6.46 10.68
CA ASN B 48 1.63 -7.79 11.07
C ASN B 48 2.06 -8.88 10.07
N GLY B 49 2.96 -8.56 9.14
CA GLY B 49 3.61 -9.59 8.36
C GLY B 49 3.00 -9.89 7.00
N VAL B 50 2.17 -9.01 6.47
CA VAL B 50 1.69 -9.15 5.10
C VAL B 50 2.82 -8.78 4.14
N ASN B 51 2.97 -9.55 3.08
CA ASN B 51 4.02 -9.24 2.11
C ASN B 51 3.66 -7.99 1.32
N PRO B 52 4.57 -7.02 1.21
CA PRO B 52 4.22 -5.77 0.52
C PRO B 52 3.93 -5.93 -0.96
N GLU B 53 4.60 -6.85 -1.65
CA GLU B 53 4.27 -7.12 -3.05
C GLU B 53 2.85 -7.66 -3.17
N ALA B 54 2.52 -8.69 -2.37
CA ALA B 54 1.16 -9.19 -2.35
C ALA B 54 0.16 -8.09 -2.01
N LEU B 55 0.48 -7.26 -1.02
CA LEU B 55 -0.42 -6.15 -0.68
C LEU B 55 -0.62 -5.23 -1.88
N ALA B 56 0.49 -4.81 -2.51
CA ALA B 56 0.41 -4.05 -3.76
C ALA B 56 -0.54 -4.68 -4.76
N ASN B 57 -0.39 -6.00 -5.00
CA ASN B 57 -1.23 -6.64 -6.00
C ASN B 57 -2.69 -6.61 -5.57
N VAL B 58 -2.95 -6.83 -4.28
CA VAL B 58 -4.32 -6.76 -3.77
C VAL B 58 -4.91 -5.37 -4.00
N ILE B 59 -4.12 -4.33 -3.74
CA ILE B 59 -4.62 -2.97 -3.90
C ILE B 59 -4.93 -2.66 -5.37
N LYS B 60 -4.01 -3.02 -6.28
CA LYS B 60 -4.27 -2.87 -7.71
C LYS B 60 -5.58 -3.56 -8.09
N GLU B 61 -5.74 -4.81 -7.67
CA GLU B 61 -6.95 -5.54 -8.03
C GLU B 61 -8.19 -4.87 -7.44
N LEU B 62 -8.09 -4.38 -6.20
CA LEU B 62 -9.25 -3.69 -5.60
C LEU B 62 -9.61 -2.46 -6.39
N ARG B 63 -8.61 -1.76 -6.93
CA ARG B 63 -8.86 -0.58 -7.75
C ARG B 63 -9.59 -0.94 -9.05
N VAL B 64 -9.20 -2.05 -9.69
CA VAL B 64 -9.91 -2.42 -10.92
C VAL B 64 -11.32 -2.90 -10.60
N LEU B 65 -11.50 -3.57 -9.46
CA LEU B 65 -12.83 -4.04 -9.09
C LEU B 65 -13.78 -2.87 -8.93
N GLY B 66 -13.34 -1.79 -8.28
CA GLY B 66 -14.16 -0.60 -8.14
C GLY B 66 -14.36 0.19 -9.43
N GLN B 67 -13.55 -0.05 -10.46
CA GLN B 67 -13.67 0.67 -11.73
C GLN B 67 -14.44 -0.10 -12.80
N ASP B 68 -14.50 -1.42 -12.73
CA ASP B 68 -15.14 -2.24 -13.78
C ASP B 68 -16.20 -3.15 -13.18
N PRO B 69 -17.48 -2.77 -13.24
CA PRO B 69 -18.56 -3.66 -12.77
C PRO B 69 -18.47 -5.11 -13.25
N GLN B 70 -18.09 -5.34 -14.52
CA GLN B 70 -17.95 -6.70 -15.04
C GLN B 70 -16.98 -7.53 -14.20
N GLN B 71 -15.86 -6.93 -13.78
CA GLN B 71 -14.90 -7.73 -13.04
C GLN B 71 -15.31 -7.93 -11.59
N LEU B 72 -16.00 -6.96 -11.00
CA LEU B 72 -16.53 -7.19 -9.67
C LEU B 72 -17.61 -8.26 -9.69
N ASP B 73 -18.48 -8.24 -10.69
CA ASP B 73 -19.47 -9.31 -10.80
C ASP B 73 -18.81 -10.66 -11.03
N ALA B 74 -17.71 -10.69 -11.80
CA ALA B 74 -16.96 -11.93 -11.99
C ALA B 74 -16.42 -12.44 -10.66
N LEU B 75 -15.93 -11.54 -9.81
CA LEU B 75 -15.53 -11.90 -8.46
C LEU B 75 -16.71 -12.40 -7.63
N VAL B 76 -17.84 -11.69 -7.66
CA VAL B 76 -18.98 -12.10 -6.85
C VAL B 76 -19.40 -13.53 -7.20
N ALA B 77 -19.38 -13.85 -8.50
CA ALA B 77 -19.86 -15.15 -8.95
C ALA B 77 -18.91 -16.28 -8.55
N ASN B 78 -17.60 -16.05 -8.66
CA ASN B 78 -16.64 -17.02 -8.14
C ASN B 78 -16.80 -17.16 -6.62
N TYR B 79 -17.04 -16.06 -5.93
CA TYR B 79 -17.17 -16.14 -4.48
C TYR B 79 -18.43 -16.90 -4.08
N LEU B 80 -19.51 -16.80 -4.86
CA LEU B 80 -20.71 -17.52 -4.51
C LEU B 80 -20.62 -18.99 -4.86
N ALA B 81 -19.93 -19.36 -5.94
CA ALA B 81 -19.88 -20.76 -6.34
C ALA B 81 -19.01 -21.60 -5.39
#